data_1A1A
#
_entry.id   1A1A
#
_cell.length_a   51.400
_cell.length_b   65.400
_cell.length_c   74.600
_cell.angle_alpha   90.00
_cell.angle_beta   90.00
_cell.angle_gamma   90.00
#
_symmetry.space_group_name_H-M   'P 21 21 21'
#
loop_
_entity.id
_entity.type
_entity.pdbx_description
1 polymer 'C-SRC TYROSINE KINASE'
2 polymer 'ACE-FORMYL PHOSPHOTYR-GLU-(N,N-DIPENTYL AMINE)'
3 water water
#
loop_
_entity_poly.entity_id
_entity_poly.type
_entity_poly.pdbx_seq_one_letter_code
_entity_poly.pdbx_strand_id
1 'polypeptide(L)'
;MDSIQAEEWYFGKITRRESERLLLNAENPRGTFLVRESETTKGAYSLSVSDFDNAKGLNVKHYKIRKLDSGGFYITSRTQ
FNSLQQLVAYYSKHADGLCHRLTTVCP
;
A,B
2 'polypeptide(L)' (ACE)(PTH)E(DIP) C,D
#
# COMPACT_ATOMS: atom_id res chain seq x y z
N ASP A 2 -4.59 21.38 14.89
CA ASP A 2 -6.03 21.54 15.02
C ASP A 2 -6.66 20.28 15.61
N SER A 3 -7.96 20.28 15.94
CA SER A 3 -8.62 19.16 16.61
C SER A 3 -8.33 17.79 16.00
N ILE A 4 -8.44 17.70 14.65
CA ILE A 4 -8.18 16.45 13.94
C ILE A 4 -6.82 15.81 14.36
N GLN A 5 -5.78 16.63 14.56
CA GLN A 5 -4.47 16.11 14.96
C GLN A 5 -4.50 15.23 16.22
N ALA A 6 -5.41 15.56 17.13
CA ALA A 6 -5.48 14.82 18.36
C ALA A 6 -6.56 13.78 18.47
N GLU A 7 -7.30 13.48 17.40
CA GLU A 7 -8.30 12.40 17.47
C GLU A 7 -7.63 11.09 17.64
N GLU A 8 -8.18 10.25 18.53
CA GLU A 8 -7.58 8.94 18.82
C GLU A 8 -7.47 8.06 17.58
N TRP A 9 -8.39 8.28 16.60
CA TRP A 9 -8.38 7.46 15.40
C TRP A 9 -7.59 8.09 14.26
N TYR A 10 -7.11 9.31 14.39
CA TYR A 10 -6.34 9.92 13.31
C TYR A 10 -4.84 9.68 13.49
N PHE A 11 -4.19 9.23 12.42
CA PHE A 11 -2.78 8.89 12.50
C PHE A 11 -1.93 9.72 11.55
N GLY A 12 -2.45 10.91 11.23
CA GLY A 12 -1.72 11.91 10.48
C GLY A 12 -1.17 11.44 9.14
N LYS A 13 0.12 11.69 9.03
CA LYS A 13 0.84 11.36 7.85
C LYS A 13 1.53 10.02 7.92
N ILE A 14 1.06 9.01 8.65
CA ILE A 14 1.74 7.75 8.52
C ILE A 14 1.48 7.15 7.13
N THR A 15 2.47 6.40 6.63
CA THR A 15 2.42 5.81 5.30
C THR A 15 1.43 4.68 5.23
N ARG A 16 0.98 4.23 4.03
CA ARG A 16 0.12 3.06 4.01
C ARG A 16 0.78 1.83 4.56
N ARG A 17 2.09 1.69 4.35
CA ARG A 17 2.81 0.53 4.80
C ARG A 17 2.87 0.52 6.36
N GLU A 18 3.11 1.70 6.96
CA GLU A 18 3.13 1.85 8.43
C GLU A 18 1.74 1.57 9.01
N SER A 19 0.66 2.05 8.35
CA SER A 19 -0.69 1.77 8.85
C SER A 19 -0.98 0.27 8.80
N GLU A 20 -0.48 -0.46 7.81
CA GLU A 20 -0.65 -1.89 7.76
C GLU A 20 0.17 -2.57 8.83
N ARG A 21 1.38 -2.05 9.11
CA ARG A 21 2.18 -2.54 10.23
C ARG A 21 1.39 -2.44 11.56
N LEU A 22 0.76 -1.29 11.86
CA LEU A 22 -0.04 -1.15 13.08
C LEU A 22 -1.30 -1.95 13.05
N LEU A 23 -1.97 -1.99 11.89
CA LEU A 23 -3.25 -2.69 11.82
C LEU A 23 -3.18 -4.17 11.67
N LEU A 24 -2.14 -4.72 11.06
CA LEU A 24 -2.03 -6.17 10.91
C LEU A 24 -1.67 -6.88 12.21
N ASN A 25 -1.49 -6.16 13.29
CA ASN A 25 -1.17 -6.80 14.53
C ASN A 25 -2.34 -7.62 15.04
N ALA A 26 -1.99 -8.88 15.28
CA ALA A 26 -2.93 -9.92 15.67
C ALA A 26 -3.83 -9.70 16.90
N GLU A 27 -3.44 -8.78 17.79
CA GLU A 27 -4.27 -8.37 18.91
C GLU A 27 -5.56 -7.71 18.44
N ASN A 28 -5.43 -6.95 17.33
CA ASN A 28 -6.53 -6.15 16.78
C ASN A 28 -7.65 -7.04 16.35
N PRO A 29 -8.89 -6.81 16.71
CA PRO A 29 -10.00 -7.57 16.12
C PRO A 29 -10.25 -7.06 14.68
N ARG A 30 -11.01 -7.77 13.86
CA ARG A 30 -11.30 -7.26 12.53
C ARG A 30 -12.20 -6.07 12.66
N GLY A 31 -11.92 -5.10 11.82
CA GLY A 31 -12.63 -3.84 11.88
C GLY A 31 -11.85 -2.79 12.68
N THR A 32 -10.70 -3.16 13.30
CA THR A 32 -9.80 -2.12 13.81
C THR A 32 -9.44 -1.19 12.67
N PHE A 33 -9.41 0.09 12.95
CA PHE A 33 -9.19 1.07 11.88
C PHE A 33 -8.41 2.29 12.32
N LEU A 34 -8.09 3.08 11.31
CA LEU A 34 -7.44 4.38 11.47
C LEU A 34 -7.56 5.18 10.18
N VAL A 35 -7.69 6.51 10.43
CA VAL A 35 -7.76 7.47 9.35
C VAL A 35 -6.37 8.07 9.26
N ARG A 36 -5.96 8.47 8.04
CA ARG A 36 -4.68 9.13 7.77
C ARG A 36 -4.75 9.96 6.53
N GLU A 37 -3.80 10.83 6.29
CA GLU A 37 -3.73 11.51 4.99
C GLU A 37 -3.48 10.44 3.89
N SER A 38 -4.05 10.60 2.70
CA SER A 38 -3.71 9.74 1.56
C SER A 38 -2.26 10.08 1.15
N GLU A 39 -1.39 9.10 0.95
CA GLU A 39 -0.01 9.35 0.51
C GLU A 39 0.01 9.71 -0.96
N THR A 40 -0.84 9.04 -1.77
CA THR A 40 -0.81 9.21 -3.21
C THR A 40 -1.85 10.19 -3.76
N THR A 41 -2.80 10.74 -2.99
CA THR A 41 -3.73 11.73 -3.54
C THR A 41 -3.69 12.96 -2.67
N LYS A 42 -3.35 14.14 -3.21
CA LYS A 42 -3.31 15.33 -2.40
C LYS A 42 -4.70 15.71 -1.96
N GLY A 43 -4.83 16.14 -0.71
CA GLY A 43 -6.12 16.58 -0.22
C GLY A 43 -7.06 15.46 0.22
N ALA A 44 -6.81 14.19 -0.13
CA ALA A 44 -7.69 13.11 0.33
C ALA A 44 -7.20 12.41 1.61
N TYR A 45 -8.02 11.56 2.24
CA TYR A 45 -7.58 10.82 3.42
C TYR A 45 -7.80 9.39 3.09
N SER A 46 -7.38 8.53 4.00
CA SER A 46 -7.56 7.16 3.80
C SER A 46 -8.02 6.51 5.13
N LEU A 47 -9.02 5.63 4.99
CA LEU A 47 -9.53 4.87 6.09
C LEU A 47 -8.98 3.47 5.88
N SER A 48 -8.09 3.02 6.76
CA SER A 48 -7.50 1.71 6.63
C SER A 48 -8.12 0.85 7.72
N VAL A 49 -8.61 -0.31 7.29
CA VAL A 49 -9.43 -1.20 8.10
C VAL A 49 -8.87 -2.60 8.09
N SER A 50 -8.66 -3.21 9.26
CA SER A 50 -8.17 -4.58 9.32
C SER A 50 -9.33 -5.55 9.05
N ASP A 51 -9.06 -6.64 8.36
CA ASP A 51 -10.09 -7.60 8.07
C ASP A 51 -9.43 -8.97 7.99
N PHE A 52 -10.20 -10.05 7.96
CA PHE A 52 -9.62 -11.40 7.81
C PHE A 52 -10.43 -12.30 6.89
N ASP A 53 -9.69 -13.16 6.17
CA ASP A 53 -10.29 -14.24 5.39
C ASP A 53 -9.31 -15.39 5.32
N ASN A 54 -9.80 -16.63 5.24
CA ASN A 54 -8.91 -17.78 5.23
C ASN A 54 -8.34 -18.10 3.85
N ALA A 55 -7.64 -17.10 3.31
CA ALA A 55 -6.99 -17.16 2.01
C ALA A 55 -6.01 -16.02 1.87
N LYS A 56 -6.36 -14.79 2.23
CA LYS A 56 -5.37 -13.71 2.25
C LYS A 56 -4.75 -13.61 3.63
N GLY A 57 -5.39 -14.25 4.61
CA GLY A 57 -4.99 -14.04 5.98
C GLY A 57 -5.48 -12.69 6.47
N LEU A 58 -4.98 -12.23 7.60
CA LEU A 58 -5.27 -10.90 8.10
C LEU A 58 -4.73 -10.00 7.03
N ASN A 59 -5.55 -9.05 6.66
CA ASN A 59 -5.14 -8.07 5.67
C ASN A 59 -5.85 -6.76 6.00
N VAL A 60 -5.42 -5.71 5.28
CA VAL A 60 -5.95 -4.39 5.50
C VAL A 60 -6.58 -3.92 4.21
N LYS A 61 -7.76 -3.30 4.31
CA LYS A 61 -8.35 -2.58 3.16
C LYS A 61 -8.26 -1.08 3.38
N HIS A 62 -7.87 -0.37 2.35
CA HIS A 62 -7.70 1.05 2.36
C HIS A 62 -8.81 1.71 1.50
N TYR A 63 -9.56 2.67 2.05
CA TYR A 63 -10.64 3.38 1.35
C TYR A 63 -10.27 4.82 1.29
N LYS A 64 -10.17 5.40 0.11
CA LYS A 64 -9.93 6.82 0.02
C LYS A 64 -11.14 7.53 0.62
N ILE A 65 -10.93 8.68 1.25
CA ILE A 65 -12.01 9.52 1.70
C ILE A 65 -11.75 10.82 0.93
N ARG A 66 -12.72 11.27 0.14
CA ARG A 66 -12.53 12.50 -0.59
C ARG A 66 -13.28 13.63 0.07
N LYS A 67 -12.76 14.84 -0.08
CA LYS A 67 -13.42 16.02 0.45
C LYS A 67 -14.12 16.76 -0.69
N LEU A 68 -15.38 17.18 -0.47
CA LEU A 68 -16.20 17.87 -1.45
C LEU A 68 -15.97 19.32 -1.31
N ASP A 69 -16.24 20.16 -2.30
CA ASP A 69 -15.99 21.59 -2.18
C ASP A 69 -16.87 22.23 -1.12
N SER A 70 -18.03 21.65 -0.78
CA SER A 70 -18.88 22.10 0.33
C SER A 70 -18.18 21.92 1.67
N GLY A 71 -17.23 21.01 1.72
CA GLY A 71 -16.49 20.75 2.94
C GLY A 71 -16.77 19.35 3.46
N GLY A 72 -17.73 18.63 2.86
CA GLY A 72 -18.05 17.29 3.31
C GLY A 72 -17.03 16.23 2.87
N PHE A 73 -17.29 14.99 3.23
CA PHE A 73 -16.39 13.90 2.94
C PHE A 73 -17.17 12.71 2.49
N TYR A 74 -16.59 11.79 1.71
CA TYR A 74 -17.32 10.59 1.33
C TYR A 74 -16.33 9.49 0.94
N ILE A 75 -16.82 8.26 0.99
CA ILE A 75 -16.21 7.06 0.49
C ILE A 75 -17.12 6.51 -0.61
N THR A 76 -18.45 6.58 -0.49
CA THR A 76 -19.36 6.07 -1.53
C THR A 76 -20.41 7.13 -1.86
N SER A 77 -21.21 6.88 -2.91
CA SER A 77 -22.32 7.74 -3.36
C SER A 77 -23.56 7.64 -2.48
N ARG A 78 -23.56 6.64 -1.61
CA ARG A 78 -24.69 6.36 -0.74
C ARG A 78 -24.85 7.42 0.32
N THR A 79 -23.76 7.83 0.95
CA THR A 79 -23.79 8.78 2.04
C THR A 79 -22.61 9.71 2.00
N GLN A 80 -22.76 10.97 2.42
CA GLN A 80 -21.63 11.89 2.61
C GLN A 80 -21.74 12.48 4.04
N PHE A 81 -20.68 13.12 4.54
CA PHE A 81 -20.62 13.50 5.94
C PHE A 81 -20.00 14.85 6.06
N ASN A 82 -20.40 15.63 7.05
CA ASN A 82 -19.84 16.96 7.25
C ASN A 82 -18.45 16.99 7.93
N SER A 83 -17.98 15.84 8.40
CA SER A 83 -16.70 15.76 9.09
C SER A 83 -16.19 14.31 9.06
N LEU A 84 -14.92 14.07 9.25
CA LEU A 84 -14.36 12.77 9.40
C LEU A 84 -14.88 12.13 10.65
N GLN A 85 -15.08 12.91 11.72
CA GLN A 85 -15.67 12.41 12.95
C GLN A 85 -17.03 11.75 12.72
N GLN A 86 -17.86 12.40 11.91
CA GLN A 86 -19.18 11.87 11.56
C GLN A 86 -19.12 10.68 10.63
N LEU A 87 -18.11 10.62 9.76
CA LEU A 87 -17.89 9.47 8.88
C LEU A 87 -17.50 8.26 9.71
N VAL A 88 -16.57 8.45 10.64
CA VAL A 88 -16.11 7.37 11.51
C VAL A 88 -17.28 6.89 12.37
N ALA A 89 -18.01 7.81 13.02
CA ALA A 89 -19.16 7.43 13.81
C ALA A 89 -20.16 6.63 12.98
N TYR A 90 -20.42 7.08 11.74
CA TYR A 90 -21.37 6.35 10.90
C TYR A 90 -20.91 4.94 10.59
N TYR A 91 -19.71 4.78 10.04
CA TYR A 91 -19.25 3.46 9.63
C TYR A 91 -18.90 2.58 10.81
N SER A 92 -18.95 3.16 12.01
CA SER A 92 -18.83 2.37 13.23
C SER A 92 -20.16 1.66 13.44
N LYS A 93 -21.27 2.26 12.98
CA LYS A 93 -22.58 1.62 13.08
C LYS A 93 -22.99 0.84 11.85
N HIS A 94 -22.42 1.04 10.65
CA HIS A 94 -22.91 0.36 9.45
C HIS A 94 -21.76 0.24 8.48
N ALA A 95 -21.48 -0.98 8.03
CA ALA A 95 -20.40 -1.16 7.10
C ALA A 95 -20.76 -0.46 5.79
N ASP A 96 -21.98 -0.69 5.31
CA ASP A 96 -22.52 -0.11 4.08
C ASP A 96 -21.54 -0.03 2.91
N GLY A 97 -21.06 -1.19 2.55
CA GLY A 97 -20.09 -1.30 1.48
C GLY A 97 -18.67 -1.54 1.99
N LEU A 98 -18.26 -1.08 3.18
CA LEU A 98 -16.93 -1.37 3.72
C LEU A 98 -16.81 -2.85 4.04
N CYS A 99 -15.59 -3.37 4.12
CA CYS A 99 -15.39 -4.78 4.44
C CYS A 99 -15.97 -5.17 5.82
N HIS A 100 -16.06 -4.22 6.75
CA HIS A 100 -16.50 -4.49 8.08
C HIS A 100 -16.89 -3.18 8.67
N ARG A 101 -17.79 -3.22 9.64
CA ARG A 101 -18.16 -2.10 10.51
C ARG A 101 -16.87 -1.67 11.24
N LEU A 102 -16.61 -0.40 11.48
CA LEU A 102 -15.41 -0.01 12.24
C LEU A 102 -15.62 -0.38 13.73
N THR A 103 -14.73 -1.18 14.32
CA THR A 103 -14.88 -1.60 15.70
C THR A 103 -13.80 -0.98 16.61
N THR A 104 -12.60 -1.50 16.70
CA THR A 104 -11.59 -0.95 17.53
C THR A 104 -10.83 0.18 16.81
N VAL A 105 -10.58 1.28 17.54
CA VAL A 105 -9.68 2.35 17.10
C VAL A 105 -8.28 1.76 17.23
N CYS A 106 -7.46 1.78 16.17
CA CYS A 106 -6.09 1.33 16.25
C CYS A 106 -5.35 1.95 17.47
N PRO A 107 -4.74 1.13 18.33
CA PRO A 107 -3.88 1.64 19.38
C PRO A 107 -2.55 2.08 18.79
N GLU B 3 -9.72 0.30 -2.26
CA GLU B 3 -10.96 -0.43 -2.49
C GLU B 3 -12.00 0.43 -3.23
N ALA C 6 1.68 -10.13 3.70
CA ALA C 6 2.52 -10.14 4.91
C ALA C 6 3.89 -9.42 4.83
N GLU C 7 4.64 -9.58 3.74
CA GLU C 7 5.97 -8.95 3.58
C GLU C 7 5.92 -7.44 3.52
N GLU C 8 6.80 -6.71 4.21
CA GLU C 8 6.77 -5.25 4.24
C GLU C 8 6.97 -4.57 2.88
N TRP C 9 7.56 -5.29 1.91
CA TRP C 9 7.78 -4.76 0.58
C TRP C 9 6.65 -5.11 -0.38
N TYR C 10 5.73 -5.96 0.03
CA TYR C 10 4.61 -6.27 -0.83
C TYR C 10 3.52 -5.20 -0.68
N PHE C 11 3.27 -4.38 -1.73
CA PHE C 11 2.23 -3.37 -1.71
C PHE C 11 0.94 -3.76 -2.42
N GLY C 12 0.75 -5.08 -2.65
CA GLY C 12 -0.51 -5.62 -3.18
C GLY C 12 -0.94 -5.03 -4.52
N LYS C 13 -2.20 -4.58 -4.62
CA LYS C 13 -2.75 -4.08 -5.87
C LYS C 13 -2.54 -2.61 -6.05
N ILE C 14 -1.55 -1.95 -5.48
CA ILE C 14 -1.36 -0.57 -5.88
C ILE C 14 -0.99 -0.55 -7.38
N THR C 15 -1.24 0.55 -8.07
CA THR C 15 -1.03 0.58 -9.49
C THR C 15 0.38 1.00 -9.87
N ARG C 16 0.73 0.98 -11.15
CA ARG C 16 1.98 1.47 -11.64
C ARG C 16 2.11 2.92 -11.29
N ARG C 17 1.10 3.73 -11.59
CA ARG C 17 1.16 5.15 -11.28
C ARG C 17 1.29 5.38 -9.75
N GLU C 18 0.51 4.62 -8.95
CA GLU C 18 0.60 4.74 -7.51
C GLU C 18 1.99 4.44 -6.96
N SER C 19 2.62 3.36 -7.49
CA SER C 19 3.95 2.96 -7.05
C SER C 19 4.93 4.04 -7.38
N GLU C 20 4.79 4.69 -8.52
CA GLU C 20 5.70 5.77 -8.87
C GLU C 20 5.50 7.00 -7.99
N ARG C 21 4.24 7.29 -7.67
CA ARG C 21 3.95 8.34 -6.70
C ARG C 21 4.63 8.05 -5.35
N LEU C 22 4.49 6.82 -4.86
CA LEU C 22 5.12 6.39 -3.63
C LEU C 22 6.64 6.35 -3.67
N LEU C 23 7.21 5.78 -4.71
CA LEU C 23 8.65 5.49 -4.70
C LEU C 23 9.45 6.78 -4.87
N LEU C 24 8.83 7.73 -5.54
CA LEU C 24 9.48 9.01 -5.77
C LEU C 24 9.09 10.02 -4.69
N ASN C 25 8.23 9.53 -3.64
CA ASN C 25 7.62 10.60 -2.83
C ASN C 25 8.28 10.70 -1.45
N ALA C 26 9.52 11.13 -1.45
CA ALA C 26 10.27 11.33 -0.20
C ALA C 26 11.67 11.83 -0.52
N GLU C 27 12.56 11.49 0.37
CA GLU C 27 13.98 11.80 0.20
C GLU C 27 14.75 10.48 0.15
N ASN C 28 13.83 9.60 -0.53
CA ASN C 28 14.15 8.21 -0.74
C ASN C 28 15.32 8.03 -1.63
N PRO C 29 16.32 7.24 -1.21
CA PRO C 29 17.48 6.91 -2.03
C PRO C 29 17.11 6.07 -3.28
N ARG C 30 18.10 5.94 -4.16
CA ARG C 30 18.00 5.05 -5.31
C ARG C 30 17.89 3.66 -4.71
N GLY C 31 17.23 2.76 -5.39
CA GLY C 31 17.12 1.41 -4.90
C GLY C 31 15.97 1.20 -3.89
N THR C 32 15.12 2.23 -3.69
CA THR C 32 13.90 2.06 -2.92
C THR C 32 12.96 1.31 -3.90
N PHE C 33 12.26 0.35 -3.35
CA PHE C 33 11.45 -0.54 -4.16
C PHE C 33 10.20 -1.01 -3.42
N LEU C 34 9.38 -1.71 -4.20
CA LEU C 34 8.25 -2.48 -3.69
C LEU C 34 7.88 -3.52 -4.73
N VAL C 35 7.16 -4.56 -4.30
CA VAL C 35 6.56 -5.53 -5.20
C VAL C 35 5.01 -5.34 -5.17
N ARG C 36 4.35 -5.44 -6.32
CA ARG C 36 2.90 -5.27 -6.43
C ARG C 36 2.33 -6.27 -7.42
N GLU C 37 1.02 -6.54 -7.43
CA GLU C 37 0.42 -7.41 -8.45
C GLU C 37 0.59 -6.77 -9.84
N SER C 38 0.95 -7.51 -10.89
CA SER C 38 1.08 -6.89 -12.22
C SER C 38 -0.28 -6.37 -12.66
N GLU C 39 -0.32 -5.21 -13.33
CA GLU C 39 -1.58 -4.76 -13.91
C GLU C 39 -1.76 -5.51 -15.21
N THR C 40 -0.69 -5.54 -16.03
CA THR C 40 -0.74 -6.10 -17.37
C THR C 40 -0.80 -7.61 -17.49
N THR C 41 -0.48 -8.40 -16.49
CA THR C 41 -0.36 -9.83 -16.70
C THR C 41 -0.84 -10.57 -15.48
N LYS C 42 -1.79 -11.47 -15.68
CA LYS C 42 -2.35 -12.22 -14.57
C LYS C 42 -1.34 -13.16 -13.94
N GLY C 43 -1.38 -13.30 -12.60
CA GLY C 43 -0.50 -14.23 -11.88
C GLY C 43 0.92 -13.72 -11.59
N ALA C 44 1.38 -12.79 -12.39
CA ALA C 44 2.67 -12.20 -12.24
C ALA C 44 2.69 -11.14 -11.13
N TYR C 45 3.87 -10.59 -10.86
CA TYR C 45 3.99 -9.44 -9.99
C TYR C 45 4.81 -8.43 -10.73
N SER C 46 5.04 -7.28 -10.16
CA SER C 46 5.81 -6.24 -10.78
C SER C 46 6.70 -5.66 -9.70
N LEU C 47 7.97 -5.52 -10.01
CA LEU C 47 8.93 -4.97 -9.08
C LEU C 47 9.19 -3.55 -9.53
N SER C 48 8.99 -2.58 -8.64
CA SER C 48 9.19 -1.22 -9.03
C SER C 48 10.31 -0.67 -8.16
N VAL C 49 11.32 -0.02 -8.78
CA VAL C 49 12.59 0.40 -8.14
C VAL C 49 12.96 1.81 -8.57
N SER C 50 13.34 2.68 -7.65
CA SER C 50 13.74 4.00 -8.02
C SER C 50 15.22 3.96 -8.46
N ASP C 51 15.54 4.94 -9.25
CA ASP C 51 16.79 4.99 -9.96
C ASP C 51 17.11 6.44 -10.16
N PHE C 52 18.37 6.74 -10.42
CA PHE C 52 18.77 8.09 -10.78
C PHE C 52 19.76 8.02 -11.93
N ASP C 53 19.56 8.89 -12.91
CA ASP C 53 20.54 9.10 -13.97
C ASP C 53 20.47 10.56 -14.36
N ASN C 54 21.55 10.99 -14.99
CA ASN C 54 21.74 12.42 -15.30
C ASN C 54 20.73 13.02 -16.26
N ALA C 55 20.37 12.26 -17.28
CA ALA C 55 19.38 12.75 -18.20
C ALA C 55 18.01 12.73 -17.54
N LYS C 56 17.61 11.57 -16.97
CA LYS C 56 16.26 11.43 -16.44
C LYS C 56 16.08 11.96 -15.03
N GLY C 57 17.15 12.17 -14.28
CA GLY C 57 16.98 12.48 -12.89
C GLY C 57 16.44 11.24 -12.20
N LEU C 58 15.65 11.42 -11.15
CA LEU C 58 15.07 10.27 -10.49
C LEU C 58 13.94 9.75 -11.34
N ASN C 59 13.79 8.42 -11.37
CA ASN C 59 12.82 7.76 -12.22
C ASN C 59 12.62 6.36 -11.68
N VAL C 60 11.49 5.76 -12.04
CA VAL C 60 11.13 4.45 -11.55
C VAL C 60 11.20 3.46 -12.68
N LYS C 61 11.86 2.33 -12.44
CA LYS C 61 11.85 1.24 -13.40
C LYS C 61 10.98 0.11 -12.88
N HIS C 62 10.35 -0.56 -13.84
CA HIS C 62 9.40 -1.59 -13.52
C HIS C 62 9.82 -2.88 -14.20
N TYR C 63 9.80 -3.98 -13.44
CA TYR C 63 10.28 -5.27 -13.93
C TYR C 63 9.21 -6.29 -13.65
N LYS C 64 8.68 -6.92 -14.70
CA LYS C 64 7.79 -8.02 -14.50
C LYS C 64 8.46 -9.16 -13.75
N ILE C 65 7.68 -9.81 -12.89
CA ILE C 65 8.15 -10.98 -12.25
C ILE C 65 7.20 -12.02 -12.77
N ARG C 66 7.68 -12.96 -13.58
CA ARG C 66 6.87 -14.03 -14.08
C ARG C 66 6.81 -15.19 -13.12
N LYS C 67 5.70 -15.90 -13.10
CA LYS C 67 5.50 -17.09 -12.28
C LYS C 67 5.54 -18.32 -13.19
N LEU C 68 6.34 -19.32 -12.83
CA LEU C 68 6.53 -20.55 -13.58
C LEU C 68 5.44 -21.52 -13.18
N ASP C 69 5.06 -22.44 -14.08
CA ASP C 69 4.06 -23.45 -13.76
C ASP C 69 4.39 -24.29 -12.55
N SER C 70 5.69 -24.56 -12.34
CA SER C 70 6.07 -25.36 -11.19
C SER C 70 6.08 -24.52 -9.90
N GLY C 71 5.82 -23.22 -9.90
CA GLY C 71 5.75 -22.50 -8.68
C GLY C 71 6.72 -21.32 -8.53
N GLY C 72 7.91 -21.35 -9.11
CA GLY C 72 8.89 -20.30 -8.90
C GLY C 72 8.69 -19.02 -9.70
N PHE C 73 9.71 -18.12 -9.65
CA PHE C 73 9.60 -16.76 -10.22
C PHE C 73 10.92 -16.34 -10.84
N TYR C 74 10.82 -15.40 -11.76
CA TYR C 74 12.00 -14.86 -12.43
C TYR C 74 11.70 -13.52 -13.09
N ILE C 75 12.78 -12.82 -13.31
CA ILE C 75 12.81 -11.55 -14.04
C ILE C 75 13.75 -11.71 -15.24
N THR C 76 14.90 -12.52 -15.02
CA THR C 76 15.75 -12.93 -16.12
C THR C 76 16.05 -14.42 -16.03
N SER C 77 16.75 -14.90 -17.07
CA SER C 77 17.23 -16.28 -17.23
C SER C 77 18.44 -16.59 -16.38
N ARG C 78 19.10 -15.57 -15.81
CA ARG C 78 20.29 -15.82 -15.03
C ARG C 78 19.99 -16.61 -13.75
N THR C 79 19.00 -16.23 -13.01
CA THR C 79 18.58 -16.94 -11.79
C THR C 79 17.06 -16.99 -11.70
N GLN C 80 16.58 -18.06 -11.07
CA GLN C 80 15.15 -18.25 -10.78
C GLN C 80 15.05 -18.60 -9.29
N PHE C 81 13.88 -18.38 -8.73
CA PHE C 81 13.68 -18.56 -7.29
C PHE C 81 12.43 -19.40 -7.00
N ASN C 82 12.56 -20.18 -5.95
CA ASN C 82 11.47 -21.05 -5.56
C ASN C 82 10.37 -20.31 -4.84
N SER C 83 10.61 -19.06 -4.40
CA SER C 83 9.58 -18.23 -3.78
C SER C 83 9.88 -16.79 -4.16
N LEU C 84 8.89 -15.93 -3.93
CA LEU C 84 9.01 -14.53 -4.24
C LEU C 84 9.89 -13.76 -3.26
N GLN C 85 9.96 -14.23 -2.00
CA GLN C 85 10.79 -13.60 -1.00
C GLN C 85 12.28 -13.84 -1.28
N GLN C 86 12.62 -15.03 -1.77
CA GLN C 86 13.99 -15.33 -2.12
C GLN C 86 14.46 -14.44 -3.28
N LEU C 87 13.55 -14.15 -4.24
CA LEU C 87 13.84 -13.22 -5.32
C LEU C 87 14.29 -11.89 -4.76
N VAL C 88 13.46 -11.35 -3.87
CA VAL C 88 13.71 -10.05 -3.26
C VAL C 88 15.00 -10.09 -2.46
N ALA C 89 15.17 -11.13 -1.64
CA ALA C 89 16.39 -11.28 -0.87
C ALA C 89 17.63 -11.32 -1.79
N TYR C 90 17.62 -12.13 -2.88
CA TYR C 90 18.70 -12.17 -3.87
C TYR C 90 19.03 -10.83 -4.47
N TYR C 91 18.02 -10.12 -5.00
CA TYR C 91 18.27 -8.85 -5.65
C TYR C 91 18.58 -7.67 -4.73
N SER C 92 18.38 -7.89 -3.41
CA SER C 92 18.87 -6.94 -2.41
C SER C 92 20.39 -6.99 -2.31
N LYS C 93 20.98 -8.13 -2.64
CA LYS C 93 22.40 -8.26 -2.58
C LYS C 93 23.03 -8.18 -3.96
N HIS C 94 22.30 -8.50 -5.04
CA HIS C 94 22.88 -8.56 -6.42
C HIS C 94 21.97 -7.90 -7.43
N ALA C 95 22.32 -6.71 -7.94
CA ALA C 95 21.49 -6.04 -8.95
C ALA C 95 21.29 -6.92 -10.19
N ASP C 96 22.38 -7.48 -10.77
CA ASP C 96 22.26 -8.39 -11.91
C ASP C 96 21.30 -7.95 -13.02
N GLY C 97 21.48 -6.75 -13.57
CA GLY C 97 20.62 -6.34 -14.66
C GLY C 97 19.60 -5.33 -14.19
N LEU C 98 19.14 -5.34 -12.93
CA LEU C 98 18.24 -4.27 -12.43
C LEU C 98 19.00 -2.96 -12.36
N CYS C 99 18.30 -1.81 -12.28
CA CYS C 99 18.99 -0.50 -12.23
C CYS C 99 19.80 -0.27 -10.98
N HIS C 100 19.45 -1.02 -9.94
CA HIS C 100 20.12 -0.86 -8.66
C HIS C 100 19.70 -2.01 -7.82
N ARG C 101 20.47 -2.36 -6.77
CA ARG C 101 20.05 -3.44 -5.88
C ARG C 101 18.84 -3.00 -5.09
N LEU C 102 18.02 -3.94 -4.69
CA LEU C 102 16.82 -3.65 -3.92
C LEU C 102 17.19 -3.34 -2.48
N THR C 103 17.62 -2.13 -2.24
CA THR C 103 18.10 -1.82 -0.91
C THR C 103 17.14 -1.21 0.12
N THR C 104 16.33 -0.19 -0.14
CA THR C 104 15.38 0.28 0.87
C THR C 104 13.96 -0.13 0.51
N VAL C 105 13.25 -0.81 1.43
CA VAL C 105 11.84 -1.05 1.21
C VAL C 105 11.11 0.31 1.20
N CYS C 106 10.20 0.54 0.24
CA CYS C 106 9.37 1.75 0.20
C CYS C 106 8.72 2.00 1.56
N PRO C 107 8.93 3.17 2.13
CA PRO C 107 8.51 3.49 3.49
C PRO C 107 7.00 3.33 3.63
N GLU D 3 11.13 -3.03 -18.21
CA GLU D 3 12.53 -3.17 -18.48
C GLU D 3 12.88 -4.60 -18.91
#